data_8W31
#
_entry.id   8W31
#
_cell.length_a   83.540
_cell.length_b   83.540
_cell.length_c   258.770
_cell.angle_alpha   90.000
_cell.angle_beta   90.000
_cell.angle_gamma   120.000
#
_symmetry.space_group_name_H-M   'P 61 2 2'
#
loop_
_entity.id
_entity.type
_entity.pdbx_description
1 polymer 'E3 ubiquitin-protein ligase parkin'
2 polymer Ubiquitin
3 non-polymer 'ZINC ION'
4 non-polymer (S)-1-(6-benzyl-3-(4-(1,2,3,4-tetrahydroquinoline-1-carbonyl)phenyl)-6,7-dihydropyrazolo[1,5-a]pyrazin-5(4H)-yl)ethan-1-one
5 non-polymer GLYCEROL
6 water water
#
loop_
_entity_poly.entity_id
_entity_poly.type
_entity_poly.pdbx_seq_one_letter_code
_entity_poly.pdbx_strand_id
1 'polypeptide(L)'
;GPLGSSFFVYCKGPCHKVQPGKLRVQCGTCRQATLTLAQGPSCWDDVLIPNRMSGECQSPDCPGTRAEFFFKCGAHPTSD
KDTSVALNLITNNSRSIPCIACTDVRNPVLVFQCNHRHVICLDCFHLYCVTRLNDRQFVHDAQLGYSLPCVAGCPNSLIK
ELHHFRILGEEQYNRYQQYGAEECVLQMGGVLCPRPGCGAGLLPEQGQRKVTCEGGNGLGCGFVFCRDCKEAYHEGECDS
;
A
2 'polypeptide(L)' MQIFVKTLTGKTITLEVEPSDTIENVKAKIQDKEGIPPDQQRLIFAGKQLEDGRTLSDYNIQKE(SEP)TLHLVLRLRG B,C
#
loop_
_chem_comp.id
_chem_comp.type
_chem_comp.name
_chem_comp.formula
A1AE9 non-polymer (S)-1-(6-benzyl-3-(4-(1,2,3,4-tetrahydroquinoline-1-carbonyl)phenyl)-6,7-dihydropyrazolo[1,5-a]pyrazin-5(4H)-yl)ethan-1-one 'C31 H30 N4 O2'
GOL non-polymer GLYCEROL 'C3 H8 O3'
ZN non-polymer 'ZINC ION' 'Zn 2'
#
# COMPACT_ATOMS: atom_id res chain seq x y z
N SER A 5 7.37 17.84 7.56
CA SER A 5 7.24 18.17 6.14
C SER A 5 5.79 18.20 5.67
N SER A 6 5.63 18.06 4.35
CA SER A 6 4.30 17.87 3.76
C SER A 6 4.34 16.63 2.86
N PHE A 7 3.74 15.58 3.39
CA PHE A 7 3.57 14.30 2.73
C PHE A 7 2.23 14.25 2.02
N PHE A 8 2.11 13.33 1.08
CA PHE A 8 0.83 13.13 0.42
C PHE A 8 0.54 11.65 0.37
N VAL A 9 -0.72 11.30 0.61
CA VAL A 9 -1.19 9.92 0.61
C VAL A 9 -2.42 9.82 -0.27
N TYR A 10 -2.71 8.61 -0.72
CA TYR A 10 -3.98 8.38 -1.39
C TYR A 10 -4.96 7.85 -0.35
N CYS A 11 -5.99 8.64 -0.06
CA CYS A 11 -7.02 8.22 0.93
C CYS A 11 -8.18 7.55 0.20
N LYS A 12 -8.17 6.21 0.13
CA LYS A 12 -9.27 5.46 -0.54
C LYS A 12 -10.52 5.50 0.35
N GLY A 13 -10.38 6.00 1.56
CA GLY A 13 -11.50 6.02 2.52
C GLY A 13 -12.37 7.21 2.23
N PRO A 14 -12.70 8.08 3.22
CA PRO A 14 -13.65 9.19 2.99
C PRO A 14 -13.30 10.16 1.84
N CYS A 15 -12.06 10.62 1.74
CA CYS A 15 -11.69 11.65 0.73
C CYS A 15 -11.70 11.09 -0.70
N HIS A 16 -11.38 9.81 -0.88
CA HIS A 16 -11.27 9.21 -2.24
C HIS A 16 -10.40 10.09 -3.16
N LYS A 17 -9.25 10.55 -2.68
CA LYS A 17 -8.38 11.40 -3.48
C LYS A 17 -7.02 11.54 -2.80
N VAL A 18 -6.15 12.28 -3.46
CA VAL A 18 -4.84 12.56 -2.87
C VAL A 18 -5.00 13.62 -1.80
N GLN A 19 -4.39 13.38 -0.62
CA GLN A 19 -4.53 14.26 0.52
C GLN A 19 -3.20 14.40 1.26
N PRO A 20 -2.97 15.53 1.94
CA PRO A 20 -1.80 15.62 2.82
C PRO A 20 -1.88 14.54 3.89
N GLY A 21 -0.72 14.02 4.32
CA GLY A 21 -0.71 12.88 5.20
C GLY A 21 0.06 13.03 6.51
N LYS A 22 -0.21 12.15 7.45
CA LYS A 22 0.56 12.11 8.69
C LYS A 22 1.59 11.01 8.58
N LEU A 23 2.80 11.27 9.05
CA LEU A 23 3.79 10.22 9.21
C LEU A 23 3.73 9.69 10.63
N ARG A 24 3.60 8.38 10.78
CA ARG A 24 3.50 7.76 12.10
C ARG A 24 4.43 6.54 12.14
N VAL A 25 4.74 6.10 13.37
CA VAL A 25 5.68 5.01 13.57
C VAL A 25 5.19 4.09 14.68
N GLN A 26 5.31 2.79 14.46
CA GLN A 26 5.07 1.81 15.50
C GLN A 26 6.32 0.95 15.70
N CYS A 27 6.36 0.28 16.84
CA CYS A 27 7.38 -0.73 17.11
C CYS A 27 7.26 -1.89 16.13
N GLY A 28 8.40 -2.37 15.64
CA GLY A 28 8.38 -3.44 14.67
C GLY A 28 8.03 -4.80 15.26
N THR A 29 8.18 -4.99 16.57
CA THR A 29 7.84 -6.28 17.13
C THR A 29 6.45 -6.28 17.77
N CYS A 30 6.15 -5.36 18.69
CA CYS A 30 4.83 -5.36 19.31
C CYS A 30 3.77 -4.57 18.54
N ARG A 31 4.11 -4.08 17.34
CA ARG A 31 3.14 -3.40 16.43
C ARG A 31 2.32 -2.39 17.23
N GLN A 32 2.93 -1.70 18.19
CA GLN A 32 2.25 -0.71 19.01
C GLN A 32 3.01 0.59 18.84
N ALA A 33 2.39 1.70 19.24
CA ALA A 33 3.02 3.03 19.08
C ALA A 33 3.66 3.46 20.39
N THR A 34 4.71 2.75 20.82
CA THR A 34 5.41 3.12 22.07
C THR A 34 6.91 3.27 21.79
N LEU A 35 7.32 3.18 20.52
CA LEU A 35 8.74 3.26 20.23
C LEU A 35 9.19 4.72 20.15
N THR A 36 10.21 5.07 20.93
CA THR A 36 10.86 6.37 20.81
C THR A 36 11.88 6.34 19.70
N LEU A 37 11.91 7.36 18.87
CA LEU A 37 12.86 7.39 17.78
C LEU A 37 14.11 8.13 18.19
N ALA A 38 15.26 7.55 17.84
CA ALA A 38 16.54 8.20 18.12
C ALA A 38 16.70 9.56 17.44
N GLN A 39 16.49 9.60 16.12
CA GLN A 39 16.57 10.84 15.34
C GLN A 39 15.45 10.77 14.32
N GLY A 40 14.97 11.95 13.91
CA GLY A 40 13.97 12.01 12.87
C GLY A 40 14.48 11.43 11.56
N PRO A 41 13.58 10.89 10.75
CA PRO A 41 13.97 10.47 9.40
C PRO A 41 14.37 11.67 8.58
N SER A 42 15.33 11.45 7.68
CA SER A 42 15.84 12.52 6.84
C SER A 42 15.64 12.25 5.35
N CYS A 43 15.12 11.10 4.95
CA CYS A 43 14.88 10.85 3.52
C CYS A 43 13.83 9.77 3.37
N TRP A 44 13.31 9.64 2.14
CA TRP A 44 12.23 8.70 1.90
C TRP A 44 12.63 7.28 2.26
N ASP A 45 13.89 6.92 1.98
CA ASP A 45 14.32 5.55 2.21
C ASP A 45 14.22 5.19 3.68
N ASP A 46 14.48 6.17 4.57
CA ASP A 46 14.32 5.96 6.01
C ASP A 46 12.92 5.43 6.35
N VAL A 47 11.88 5.91 5.67
CA VAL A 47 10.54 5.46 6.02
C VAL A 47 9.99 4.41 5.06
N LEU A 48 10.62 4.20 3.90
CA LEU A 48 10.08 3.23 2.95
C LEU A 48 10.70 1.84 3.13
N ILE A 49 12.03 1.74 3.15
CA ILE A 49 12.72 0.47 3.40
C ILE A 49 12.56 0.06 4.85
N PRO A 50 12.29 -1.21 5.13
CA PRO A 50 12.13 -1.64 6.52
C PRO A 50 13.45 -1.74 7.26
N ASN A 51 13.36 -1.61 8.58
CA ASN A 51 14.52 -1.59 9.49
C ASN A 51 15.59 -0.65 8.97
N ARG A 52 15.17 0.48 8.40
CA ARG A 52 16.15 1.49 8.08
C ARG A 52 16.50 2.32 9.31
N MET A 53 15.65 2.30 10.33
CA MET A 53 15.82 3.14 11.50
C MET A 53 15.50 2.39 12.78
N SER A 54 16.13 2.82 13.86
CA SER A 54 16.06 2.09 15.11
C SER A 54 15.60 3.02 16.22
N GLY A 55 14.95 2.42 17.21
CA GLY A 55 14.56 3.14 18.38
C GLY A 55 14.35 2.19 19.53
N GLU A 56 13.73 2.71 20.58
CA GLU A 56 13.47 1.97 21.80
C GLU A 56 11.98 1.92 22.03
N CYS A 57 11.43 0.71 22.07
CA CYS A 57 10.04 0.56 22.47
C CYS A 57 9.91 0.74 23.97
N GLN A 58 8.90 1.51 24.37
CA GLN A 58 8.65 1.79 25.77
C GLN A 58 7.66 0.82 26.39
N SER A 59 7.26 -0.22 25.69
CA SER A 59 6.40 -1.21 26.31
C SER A 59 7.24 -1.98 27.32
N PRO A 60 6.78 -2.12 28.56
CA PRO A 60 7.68 -2.65 29.64
C PRO A 60 8.46 -3.90 29.28
N ASP A 61 7.77 -4.92 28.75
CA ASP A 61 8.42 -6.19 28.43
C ASP A 61 8.61 -6.37 26.92
N CYS A 62 8.81 -5.27 26.19
CA CYS A 62 9.09 -5.41 24.78
C CYS A 62 10.49 -4.89 24.46
N PRO A 63 11.30 -5.68 23.75
CA PRO A 63 12.66 -5.23 23.36
C PRO A 63 12.72 -4.64 21.96
N GLY A 64 11.57 -4.35 21.34
CA GLY A 64 11.52 -3.87 19.98
C GLY A 64 12.52 -2.76 19.75
N THR A 65 13.19 -2.82 18.60
CA THR A 65 14.12 -1.76 18.23
C THR A 65 13.84 -1.17 16.86
N ARG A 66 13.12 -1.86 15.99
CA ARG A 66 12.99 -1.47 14.60
C ARG A 66 11.81 -0.51 14.42
N ALA A 67 12.05 0.59 13.74
CA ALA A 67 10.99 1.52 13.39
C ALA A 67 10.22 0.99 12.18
N GLU A 68 8.90 0.92 12.33
CA GLU A 68 8.02 0.64 11.20
C GLU A 68 7.09 1.83 11.02
N PHE A 69 7.27 2.52 9.92
CA PHE A 69 6.57 3.73 9.60
C PHE A 69 5.32 3.42 8.81
N PHE A 70 4.35 4.30 8.93
CA PHE A 70 3.16 4.24 8.10
C PHE A 70 2.53 5.61 8.10
N PHE A 71 1.63 5.83 7.14
CA PHE A 71 1.00 7.12 6.92
C PHE A 71 -0.50 7.00 7.10
N LYS A 72 -1.12 8.10 7.47
CA LYS A 72 -2.57 8.22 7.55
C LYS A 72 -2.99 9.43 6.72
N CYS A 73 -4.24 9.46 6.27
CA CYS A 73 -4.78 10.69 5.70
C CYS A 73 -4.79 11.80 6.74
N GLY A 74 -4.41 13.00 6.32
CA GLY A 74 -4.42 14.10 7.27
C GLY A 74 -5.64 14.99 7.26
N ALA A 75 -6.65 14.69 6.43
CA ALA A 75 -7.73 15.62 6.15
C ALA A 75 -8.89 15.51 7.13
N HIS A 76 -8.84 14.56 8.06
CA HIS A 76 -9.90 14.22 9.01
C HIS A 76 -9.32 13.23 10.01
N PRO A 77 -9.92 13.11 11.19
CA PRO A 77 -9.48 12.08 12.13
C PRO A 77 -9.47 10.71 11.47
N THR A 78 -8.55 9.89 11.92
CA THR A 78 -8.50 8.53 11.45
C THR A 78 -8.24 7.62 12.62
N SER A 79 -8.76 6.40 12.51
CA SER A 79 -8.38 5.36 13.43
C SER A 79 -6.92 4.95 13.17
N ASP A 80 -6.22 4.56 14.23
CA ASP A 80 -4.77 4.39 14.16
C ASP A 80 -4.34 3.28 13.20
N LYS A 81 -5.24 2.45 12.71
CA LYS A 81 -4.83 1.42 11.76
C LYS A 81 -5.49 1.56 10.39
N ASP A 82 -6.31 2.60 10.20
CA ASP A 82 -6.84 2.99 8.89
C ASP A 82 -5.76 3.76 8.13
N THR A 83 -4.86 3.04 7.49
CA THR A 83 -3.68 3.62 6.87
C THR A 83 -3.99 4.08 5.44
N SER A 84 -3.12 4.94 4.92
CA SER A 84 -3.12 5.29 3.51
C SER A 84 -1.70 5.19 2.97
N VAL A 85 -1.59 4.94 1.68
CA VAL A 85 -0.28 4.76 1.04
C VAL A 85 0.35 6.12 0.78
N ALA A 86 1.61 6.27 1.18
CA ALA A 86 2.32 7.48 0.84
C ALA A 86 2.59 7.48 -0.67
N LEU A 87 2.23 8.57 -1.35
CA LEU A 87 2.62 8.73 -2.74
C LEU A 87 3.89 9.56 -2.75
N ASN A 88 5.04 8.87 -2.65
CA ASN A 88 6.29 9.58 -2.36
C ASN A 88 6.73 10.50 -3.50
N LEU A 89 6.25 10.30 -4.72
CA LEU A 89 6.63 11.19 -5.82
C LEU A 89 5.88 12.52 -5.78
N ILE A 90 4.91 12.68 -4.91
CA ILE A 90 4.08 13.87 -4.89
C ILE A 90 4.62 14.80 -3.82
N THR A 91 4.70 16.09 -4.13
CA THR A 91 5.29 17.04 -3.20
C THR A 91 4.70 18.42 -3.49
N ASN A 92 4.81 19.31 -2.51
CA ASN A 92 4.49 20.70 -2.78
C ASN A 92 5.46 21.29 -3.79
N ASN A 93 4.92 22.17 -4.61
CA ASN A 93 5.66 22.90 -5.64
C ASN A 93 6.39 24.10 -5.03
N SER A 94 7.25 23.79 -4.05
CA SER A 94 7.98 24.84 -3.33
C SER A 94 8.72 25.78 -4.26
N ARG A 95 9.34 25.24 -5.31
CA ARG A 95 10.03 26.12 -6.25
C ARG A 95 9.11 26.68 -7.33
N SER A 96 7.82 26.33 -7.35
CA SER A 96 6.85 26.88 -8.28
C SER A 96 7.20 26.59 -9.73
N ILE A 97 7.32 25.29 -10.03
CA ILE A 97 7.73 24.89 -11.37
C ILE A 97 6.49 24.66 -12.23
N PRO A 98 6.43 25.21 -13.44
CA PRO A 98 5.27 24.98 -14.30
C PRO A 98 5.16 23.54 -14.77
N CYS A 99 3.91 23.08 -14.93
CA CYS A 99 3.66 21.73 -15.41
C CYS A 99 4.22 21.51 -16.82
N ILE A 100 4.88 20.37 -17.00
CA ILE A 100 5.49 20.04 -18.28
C ILE A 100 4.41 19.70 -19.31
N ALA A 101 3.14 19.79 -18.93
CA ALA A 101 2.08 19.38 -19.88
C ALA A 101 1.12 20.54 -20.17
N CYS A 102 0.55 21.15 -19.12
CA CYS A 102 -0.36 22.31 -19.27
C CYS A 102 0.39 23.60 -18.97
N THR A 103 1.68 23.50 -18.61
CA THR A 103 2.53 24.70 -18.36
C THR A 103 1.80 25.60 -17.36
N ASP A 104 0.95 25.04 -16.50
CA ASP A 104 0.34 25.89 -15.46
C ASP A 104 1.12 25.58 -14.19
N VAL A 105 1.33 26.57 -13.33
CA VAL A 105 2.02 26.39 -12.06
C VAL A 105 0.99 25.96 -11.03
N ARG A 106 1.12 24.75 -10.50
CA ARG A 106 0.05 24.21 -9.68
C ARG A 106 0.64 23.47 -8.48
N ASN A 107 -0.23 23.12 -7.54
CA ASN A 107 0.24 22.50 -6.32
C ASN A 107 -0.83 21.57 -5.78
N PRO A 108 -0.44 20.36 -5.32
CA PRO A 108 0.90 19.78 -5.35
C PRO A 108 1.24 19.25 -6.73
N VAL A 109 2.40 18.61 -6.93
CA VAL A 109 2.81 18.09 -8.22
C VAL A 109 3.49 16.74 -8.04
N LEU A 110 3.55 15.99 -9.12
CA LEU A 110 4.28 14.74 -9.15
C LEU A 110 5.61 15.01 -9.83
N VAL A 111 6.71 14.56 -9.23
CA VAL A 111 8.05 14.79 -9.76
C VAL A 111 8.63 13.45 -10.14
N PHE A 112 8.89 13.26 -11.44
CA PHE A 112 9.41 11.98 -11.89
C PHE A 112 10.85 11.83 -11.46
N GLN A 113 11.26 10.58 -11.27
CA GLN A 113 12.63 10.25 -10.90
C GLN A 113 13.63 10.24 -12.09
N CYS A 114 13.22 10.72 -13.25
CA CYS A 114 14.17 10.95 -14.33
C CYS A 114 15.23 12.00 -13.99
N ASN A 115 16.31 12.02 -14.77
CA ASN A 115 17.43 12.92 -14.47
C ASN A 115 17.03 14.39 -14.34
N HIS A 116 16.11 14.84 -15.20
CA HIS A 116 15.65 16.22 -15.17
C HIS A 116 14.67 16.50 -14.04
N ARG A 117 14.15 15.47 -13.38
CA ARG A 117 13.14 15.62 -12.35
C ARG A 117 11.95 16.43 -12.86
N HIS A 118 11.32 15.91 -13.91
CA HIS A 118 10.27 16.64 -14.60
C HIS A 118 9.01 16.68 -13.74
N VAL A 119 8.24 17.74 -13.90
CA VAL A 119 7.13 18.07 -13.00
C VAL A 119 5.83 18.01 -13.79
N ILE A 120 4.79 17.43 -13.20
CA ILE A 120 3.47 17.36 -13.84
C ILE A 120 2.41 17.54 -12.76
N CYS A 121 1.38 18.34 -13.05
CA CYS A 121 0.30 18.50 -12.08
C CYS A 121 -0.58 17.25 -12.07
N LEU A 122 -1.38 17.12 -11.01
CA LEU A 122 -2.11 15.87 -10.82
C LEU A 122 -3.18 15.67 -11.87
N ASP A 123 -3.82 16.76 -12.31
CA ASP A 123 -4.79 16.66 -13.39
C ASP A 123 -4.15 16.12 -14.66
N CYS A 124 -3.03 16.71 -15.09
CA CYS A 124 -2.32 16.20 -16.25
C CYS A 124 -1.77 14.80 -16.00
N PHE A 125 -1.35 14.52 -14.77
CA PHE A 125 -0.86 13.16 -14.51
C PHE A 125 -2.00 12.17 -14.61
N HIS A 126 -3.20 12.60 -14.18
CA HIS A 126 -4.39 11.80 -14.41
C HIS A 126 -4.58 11.51 -15.90
N LEU A 127 -4.58 12.55 -16.75
CA LEU A 127 -4.84 12.34 -18.18
C LEU A 127 -3.77 11.46 -18.81
N TYR A 128 -2.52 11.64 -18.39
CA TYR A 128 -1.44 10.77 -18.86
C TYR A 128 -1.79 9.30 -18.64
N CYS A 129 -2.11 8.93 -17.40
CA CYS A 129 -2.32 7.54 -17.06
C CYS A 129 -3.51 6.95 -17.78
N VAL A 130 -4.61 7.69 -17.87
CA VAL A 130 -5.82 7.13 -18.49
C VAL A 130 -5.57 6.80 -19.95
N THR A 131 -5.15 7.80 -20.73
CA THR A 131 -4.94 7.53 -22.15
C THR A 131 -3.90 6.44 -22.36
N ARG A 132 -2.80 6.46 -21.60
CA ARG A 132 -1.79 5.41 -21.76
C ARG A 132 -2.36 4.05 -21.42
N LEU A 133 -3.37 4.01 -20.55
CA LEU A 133 -3.95 2.73 -20.16
C LEU A 133 -4.98 2.26 -21.15
N ASN A 134 -5.85 3.16 -21.64
CA ASN A 134 -6.74 2.79 -22.73
C ASN A 134 -5.94 2.23 -23.91
N ASP A 135 -4.91 2.96 -24.33
CA ASP A 135 -4.05 2.53 -25.43
C ASP A 135 -3.26 1.28 -25.12
N ARG A 136 -3.24 0.76 -23.88
CA ARG A 136 -2.46 -0.43 -23.54
C ARG A 136 -0.98 -0.08 -23.64
N GLN A 137 -0.64 1.15 -23.29
CA GLN A 137 0.73 1.63 -23.42
C GLN A 137 1.44 1.74 -22.07
N PHE A 138 0.85 1.21 -21.00
CA PHE A 138 1.63 0.94 -19.79
C PHE A 138 2.72 -0.09 -20.09
N VAL A 139 3.78 -0.06 -19.29
CA VAL A 139 4.94 -0.90 -19.51
C VAL A 139 5.11 -1.86 -18.34
N HIS A 140 5.35 -3.13 -18.65
CA HIS A 140 5.60 -4.14 -17.63
C HIS A 140 7.10 -4.40 -17.48
N ASP A 141 7.57 -4.38 -16.22
CA ASP A 141 8.95 -4.69 -15.85
C ASP A 141 8.90 -5.79 -14.80
N ALA A 142 9.68 -6.86 -15.02
CA ALA A 142 9.60 -8.04 -14.16
C ALA A 142 9.97 -7.73 -12.71
N GLN A 143 10.82 -6.74 -12.47
CA GLN A 143 11.17 -6.39 -11.10
C GLN A 143 10.19 -5.38 -10.48
N LEU A 144 9.59 -4.52 -11.29
CA LEU A 144 8.86 -3.36 -10.80
C LEU A 144 7.34 -3.49 -10.90
N GLY A 145 6.84 -4.07 -11.98
CA GLY A 145 5.41 -4.25 -12.15
C GLY A 145 4.90 -3.55 -13.40
N TYR A 146 3.60 -3.25 -13.40
CA TYR A 146 2.97 -2.51 -14.49
C TYR A 146 3.06 -1.02 -14.18
N SER A 147 3.86 -0.27 -14.95
CA SER A 147 4.10 1.12 -14.59
C SER A 147 4.12 1.97 -15.86
N LEU A 148 4.60 3.22 -15.70
CA LEU A 148 4.73 4.24 -16.72
C LEU A 148 6.01 5.01 -16.46
N PRO A 149 6.68 5.50 -17.50
CA PRO A 149 7.86 6.34 -17.32
C PRO A 149 7.46 7.80 -17.24
N CYS A 150 8.44 8.69 -17.11
CA CYS A 150 8.17 10.12 -17.20
C CYS A 150 7.49 10.42 -18.52
N VAL A 151 6.50 11.32 -18.49
CA VAL A 151 5.69 11.55 -19.69
C VAL A 151 6.54 12.02 -20.86
N ALA A 152 7.58 12.80 -20.60
CA ALA A 152 8.40 13.37 -21.67
C ALA A 152 9.27 12.34 -22.36
N GLY A 153 9.18 11.06 -21.97
CA GLY A 153 9.89 9.98 -22.61
C GLY A 153 11.26 9.69 -22.03
N CYS A 154 11.55 10.18 -20.83
CA CYS A 154 12.87 10.01 -20.22
C CYS A 154 13.13 8.54 -19.90
N PRO A 155 14.40 8.12 -19.90
CA PRO A 155 14.73 6.74 -19.55
C PRO A 155 15.02 6.53 -18.07
N ASN A 156 14.87 5.27 -17.65
CA ASN A 156 15.02 4.82 -16.26
C ASN A 156 14.07 5.56 -15.33
N SER A 157 12.88 5.88 -15.80
CA SER A 157 11.99 6.72 -15.02
C SER A 157 10.67 6.01 -14.70
N LEU A 158 10.71 4.70 -14.57
CA LEU A 158 9.50 3.95 -14.27
C LEU A 158 9.09 4.23 -12.85
N ILE A 159 7.82 4.61 -12.62
CA ILE A 159 7.38 4.85 -11.25
C ILE A 159 7.51 3.57 -10.46
N LYS A 160 8.16 3.65 -9.29
CA LYS A 160 8.38 2.44 -8.49
C LYS A 160 7.18 2.13 -7.61
N GLU A 161 6.68 3.11 -6.85
CA GLU A 161 5.52 2.85 -5.99
C GLU A 161 4.25 2.92 -6.85
N LEU A 162 3.70 1.74 -7.16
CA LEU A 162 2.60 1.61 -8.10
C LEU A 162 1.28 2.14 -7.55
N HIS A 163 1.21 2.46 -6.25
CA HIS A 163 -0.03 3.05 -5.74
C HIS A 163 -0.23 4.47 -6.23
N HIS A 164 0.78 5.08 -6.87
CA HIS A 164 0.55 6.35 -7.54
C HIS A 164 -0.57 6.25 -8.55
N PHE A 165 -0.79 5.06 -9.10
CA PHE A 165 -1.80 4.92 -10.14
C PHE A 165 -3.22 4.92 -9.60
N ARG A 166 -3.39 4.99 -8.27
CA ARG A 166 -4.68 5.30 -7.68
C ARG A 166 -5.30 6.58 -8.27
N ILE A 167 -4.47 7.46 -8.84
CA ILE A 167 -4.98 8.66 -9.48
C ILE A 167 -5.88 8.34 -10.66
N LEU A 168 -5.80 7.11 -11.17
CA LEU A 168 -6.75 6.67 -12.19
C LEU A 168 -8.20 6.73 -11.76
N GLY A 169 -8.50 6.76 -10.46
CA GLY A 169 -9.85 6.54 -9.98
C GLY A 169 -10.13 5.05 -9.88
N GLU A 170 -11.22 4.72 -9.16
CA GLU A 170 -11.38 3.35 -8.70
C GLU A 170 -11.58 2.38 -9.87
N GLU A 171 -12.39 2.76 -10.86
CA GLU A 171 -12.66 1.84 -11.96
C GLU A 171 -11.43 1.65 -12.84
N GLN A 172 -10.79 2.75 -13.25
CA GLN A 172 -9.61 2.65 -14.07
C GLN A 172 -8.46 1.98 -13.33
N TYR A 173 -8.41 2.19 -12.00
CA TYR A 173 -7.39 1.54 -11.19
C TYR A 173 -7.57 0.03 -11.22
N ASN A 174 -8.80 -0.44 -11.13
CA ASN A 174 -8.99 -1.90 -11.13
C ASN A 174 -8.67 -2.48 -12.50
N ARG A 175 -9.03 -1.78 -13.57
CA ARG A 175 -8.63 -2.22 -14.90
C ARG A 175 -7.12 -2.27 -15.02
N TYR A 176 -6.45 -1.25 -14.48
CA TYR A 176 -5.00 -1.24 -14.49
C TYR A 176 -4.43 -2.49 -13.80
N GLN A 177 -5.00 -2.89 -12.65
CA GLN A 177 -4.52 -4.09 -11.97
C GLN A 177 -4.74 -5.33 -12.81
N GLN A 178 -5.87 -5.39 -13.51
CA GLN A 178 -6.13 -6.54 -14.35
C GLN A 178 -5.18 -6.60 -15.54
N TYR A 179 -5.08 -5.52 -16.32
CA TYR A 179 -4.15 -5.50 -17.44
C TYR A 179 -2.76 -5.92 -16.97
N GLY A 180 -2.34 -5.41 -15.82
CA GLY A 180 -1.01 -5.71 -15.32
C GLY A 180 -0.84 -7.17 -14.96
N ALA A 181 -1.89 -7.79 -14.44
CA ALA A 181 -1.81 -9.23 -14.20
C ALA A 181 -1.81 -10.00 -15.51
N GLU A 182 -2.52 -9.49 -16.53
CA GLU A 182 -2.43 -10.08 -17.86
C GLU A 182 -1.02 -9.95 -18.43
N GLU A 183 -0.43 -8.77 -18.37
CA GLU A 183 0.94 -8.64 -18.88
C GLU A 183 1.93 -9.43 -18.03
N CYS A 184 1.61 -9.70 -16.76
CA CYS A 184 2.53 -10.45 -15.92
C CYS A 184 2.64 -11.89 -16.38
N VAL A 185 1.50 -12.56 -16.58
CA VAL A 185 1.55 -13.97 -17.00
C VAL A 185 2.24 -14.09 -18.35
N LEU A 186 1.90 -13.21 -19.28
CA LEU A 186 2.56 -13.19 -20.58
C LEU A 186 4.07 -13.03 -20.43
N GLN A 187 4.50 -12.10 -19.59
CA GLN A 187 5.92 -11.98 -19.28
C GLN A 187 6.46 -13.24 -18.62
N MET A 188 5.70 -13.83 -17.67
CA MET A 188 6.05 -15.12 -17.09
C MET A 188 6.24 -16.22 -18.14
N GLY A 189 5.75 -16.02 -19.36
CA GLY A 189 5.83 -17.04 -20.39
C GLY A 189 4.53 -17.78 -20.54
N GLY A 190 3.45 -17.31 -19.92
CA GLY A 190 2.16 -17.94 -20.04
C GLY A 190 1.39 -17.43 -21.24
N VAL A 191 0.12 -17.78 -21.27
CA VAL A 191 -0.75 -17.42 -22.38
C VAL A 191 -2.12 -17.13 -21.81
N LEU A 192 -2.87 -16.25 -22.47
CA LEU A 192 -4.20 -15.90 -22.01
C LEU A 192 -5.21 -16.77 -22.73
N CYS A 193 -6.11 -17.40 -21.98
CA CYS A 193 -7.11 -18.26 -22.58
C CYS A 193 -7.90 -17.49 -23.63
N PRO A 194 -7.93 -17.96 -24.88
CA PRO A 194 -8.60 -17.19 -25.93
C PRO A 194 -10.11 -17.24 -25.88
N ARG A 195 -10.69 -18.27 -25.23
CA ARG A 195 -12.14 -18.42 -25.14
C ARG A 195 -12.74 -17.12 -24.62
N PRO A 196 -13.51 -16.42 -25.44
CA PRO A 196 -14.12 -15.15 -24.98
C PRO A 196 -15.00 -15.39 -23.77
N GLY A 197 -14.76 -14.62 -22.71
CA GLY A 197 -15.45 -14.75 -21.45
C GLY A 197 -14.67 -15.45 -20.36
N CYS A 198 -13.74 -16.33 -20.76
CA CYS A 198 -12.90 -17.07 -19.77
C CYS A 198 -11.71 -16.19 -19.37
N GLY A 199 -10.76 -15.99 -20.29
CA GLY A 199 -9.57 -15.19 -19.98
C GLY A 199 -8.66 -15.61 -18.84
N ALA A 200 -8.67 -16.89 -18.45
CA ALA A 200 -7.73 -17.33 -17.43
C ALA A 200 -6.31 -16.96 -17.82
N GLY A 201 -5.45 -16.84 -16.80
CA GLY A 201 -4.03 -16.75 -17.00
C GLY A 201 -3.48 -18.16 -16.86
N LEU A 202 -2.88 -18.67 -17.93
CA LEU A 202 -2.42 -20.04 -17.98
C LEU A 202 -0.89 -20.08 -17.98
N LEU A 203 -0.35 -21.04 -17.23
CA LEU A 203 1.10 -21.28 -17.17
C LEU A 203 1.41 -22.70 -17.62
N PRO A 204 1.26 -22.99 -18.92
CA PRO A 204 1.62 -24.32 -19.40
C PRO A 204 3.13 -24.48 -19.48
N GLU A 205 3.58 -25.73 -19.58
CA GLU A 205 5.01 -25.95 -19.71
C GLU A 205 5.53 -25.36 -21.01
N GLN A 206 6.85 -25.22 -21.08
CA GLN A 206 7.47 -24.51 -22.19
C GLN A 206 7.20 -25.20 -23.52
N GLY A 207 7.55 -26.49 -23.62
CA GLY A 207 7.38 -27.17 -24.88
C GLY A 207 5.93 -27.37 -25.28
N GLN A 208 5.04 -27.45 -24.28
CA GLN A 208 3.65 -27.82 -24.51
C GLN A 208 2.95 -26.85 -25.46
N ARG A 209 2.51 -27.38 -26.58
CA ARG A 209 1.62 -26.66 -27.48
C ARG A 209 0.15 -26.90 -27.16
N LYS A 210 -0.17 -28.00 -26.49
CA LYS A 210 -1.54 -28.33 -26.13
C LYS A 210 -1.80 -27.83 -24.73
N VAL A 211 -2.45 -26.67 -24.65
CA VAL A 211 -2.78 -26.02 -23.38
C VAL A 211 -4.26 -26.24 -23.10
N THR A 212 -4.54 -26.66 -21.86
CA THR A 212 -5.94 -26.90 -21.43
C THR A 212 -6.26 -25.96 -20.26
N CYS A 213 -7.25 -25.10 -20.42
CA CYS A 213 -7.66 -24.13 -19.42
C CYS A 213 -8.52 -24.86 -18.38
N GLU A 214 -7.85 -25.60 -17.50
CA GLU A 214 -8.56 -26.44 -16.54
C GLU A 214 -7.97 -26.27 -15.15
N GLY A 215 -8.49 -25.28 -14.41
CA GLY A 215 -8.11 -25.13 -13.02
C GLY A 215 -9.14 -25.75 -12.09
N GLY A 216 -10.31 -26.09 -12.65
CA GLY A 216 -11.44 -26.59 -11.88
C GLY A 216 -12.71 -25.79 -12.11
N ASN A 217 -13.61 -25.78 -11.12
CA ASN A 217 -14.92 -25.16 -11.25
C ASN A 217 -14.81 -23.66 -11.00
N GLY A 218 -15.21 -22.86 -12.00
CA GLY A 218 -15.02 -21.42 -11.96
C GLY A 218 -13.60 -20.95 -12.19
N LEU A 219 -12.63 -21.88 -12.23
CA LEU A 219 -11.23 -21.52 -12.43
C LEU A 219 -10.85 -21.52 -13.92
N GLY A 220 -11.08 -22.64 -14.61
CA GLY A 220 -10.87 -22.74 -16.03
C GLY A 220 -12.15 -23.07 -16.80
N CYS A 221 -12.16 -22.76 -18.10
CA CYS A 221 -13.33 -22.99 -18.92
C CYS A 221 -13.34 -24.34 -19.63
N GLY A 222 -12.25 -25.12 -19.54
CA GLY A 222 -12.17 -26.42 -20.17
C GLY A 222 -11.58 -26.44 -21.56
N PHE A 223 -11.39 -25.27 -22.18
CA PHE A 223 -10.94 -25.20 -23.56
C PHE A 223 -9.52 -25.77 -23.71
N VAL A 224 -9.29 -26.49 -24.80
CA VAL A 224 -7.95 -26.96 -25.14
C VAL A 224 -7.55 -26.30 -26.46
N PHE A 225 -6.39 -25.63 -26.47
CA PHE A 225 -6.04 -24.76 -27.59
C PHE A 225 -4.54 -24.79 -27.87
N CYS A 226 -4.17 -24.12 -28.97
CA CYS A 226 -2.82 -24.12 -29.53
C CYS A 226 -2.14 -22.78 -29.25
N ARG A 227 -1.05 -22.81 -28.48
CA ARG A 227 -0.35 -21.59 -28.11
C ARG A 227 -0.09 -20.70 -29.32
N ASP A 228 0.35 -21.30 -30.44
CA ASP A 228 0.85 -20.50 -31.56
C ASP A 228 -0.28 -19.77 -32.28
N CYS A 229 -1.38 -20.47 -32.59
CA CYS A 229 -2.46 -19.85 -33.34
C CYS A 229 -3.65 -19.44 -32.49
N LYS A 230 -3.82 -20.05 -31.30
CA LYS A 230 -4.83 -19.65 -30.37
C LYS A 230 -6.21 -20.17 -30.79
N GLU A 231 -6.23 -21.29 -31.50
CA GLU A 231 -7.46 -22.04 -31.79
C GLU A 231 -7.46 -23.38 -30.99
N ALA A 232 -8.61 -24.06 -30.97
CA ALA A 232 -8.67 -25.41 -30.41
C ALA A 232 -7.62 -26.28 -31.05
N TYR A 233 -6.96 -27.10 -30.23
CA TYR A 233 -5.75 -27.80 -30.66
C TYR A 233 -5.99 -28.59 -31.94
N HIS A 234 -5.22 -28.25 -32.97
CA HIS A 234 -5.07 -29.05 -34.17
C HIS A 234 -3.74 -29.78 -34.11
N GLU A 235 -3.62 -30.83 -34.92
CA GLU A 235 -2.38 -31.60 -34.97
C GLU A 235 -1.48 -31.21 -36.12
N GLY A 236 -1.98 -30.35 -37.01
CA GLY A 236 -1.19 -29.89 -38.16
C GLY A 236 -0.50 -28.56 -37.87
N GLU A 237 -0.68 -27.58 -38.76
CA GLU A 237 0.01 -26.27 -38.59
C GLU A 237 -1.03 -25.14 -38.62
N CYS A 238 -0.61 -23.93 -38.24
CA CYS A 238 -1.53 -22.76 -38.21
C CYS A 238 -1.58 -22.12 -39.60
N ASP A 239 -2.66 -22.33 -40.35
CA ASP A 239 -2.78 -21.77 -41.70
C ASP A 239 -2.77 -20.25 -41.68
N MET B 1 -7.54 -7.38 8.89
CA MET B 1 -8.15 -6.76 7.71
C MET B 1 -8.55 -7.76 6.61
N GLN B 2 -9.39 -7.29 5.70
CA GLN B 2 -9.83 -8.09 4.55
C GLN B 2 -9.02 -7.75 3.33
N ILE B 3 -8.75 -8.75 2.49
CA ILE B 3 -8.24 -8.53 1.14
C ILE B 3 -8.96 -9.47 0.22
N PHE B 4 -8.90 -9.17 -1.06
CA PHE B 4 -9.49 -10.04 -2.06
C PHE B 4 -8.42 -10.63 -2.98
N VAL B 5 -8.60 -11.90 -3.33
CA VAL B 5 -7.79 -12.55 -4.33
C VAL B 5 -8.71 -12.87 -5.50
N LYS B 6 -8.42 -12.28 -6.65
CA LYS B 6 -9.22 -12.43 -7.87
C LYS B 6 -8.46 -13.27 -8.90
N THR B 7 -9.18 -14.15 -9.57
CA THR B 7 -8.59 -14.73 -10.77
C THR B 7 -8.90 -13.84 -11.97
N LEU B 8 -8.20 -14.11 -13.07
CA LEU B 8 -8.47 -13.34 -14.27
C LEU B 8 -9.83 -13.72 -14.81
N THR B 9 -10.25 -14.98 -14.60
CA THR B 9 -11.59 -15.43 -14.98
C THR B 9 -12.70 -14.76 -14.21
N GLY B 10 -12.42 -14.19 -13.04
CA GLY B 10 -13.43 -13.47 -12.26
C GLY B 10 -13.66 -14.01 -10.86
N LYS B 11 -13.36 -15.28 -10.60
CA LYS B 11 -13.56 -15.87 -9.28
C LYS B 11 -12.88 -15.03 -8.21
N THR B 12 -13.67 -14.63 -7.20
CA THR B 12 -13.25 -13.77 -6.09
C THR B 12 -13.20 -14.56 -4.79
N ILE B 13 -12.08 -14.48 -4.09
CA ILE B 13 -11.93 -15.07 -2.76
C ILE B 13 -11.81 -13.92 -1.78
N THR B 14 -12.22 -14.13 -0.54
CA THR B 14 -12.12 -13.08 0.46
C THR B 14 -11.39 -13.62 1.68
N LEU B 15 -10.30 -12.94 2.07
CA LEU B 15 -9.43 -13.40 3.16
C LEU B 15 -9.32 -12.38 4.27
N GLU B 16 -9.14 -12.89 5.48
CA GLU B 16 -8.76 -12.09 6.64
C GLU B 16 -7.25 -12.23 6.84
N VAL B 17 -6.56 -11.10 6.84
CA VAL B 17 -5.11 -11.10 6.86
C VAL B 17 -4.62 -9.99 7.78
N GLU B 18 -3.37 -10.10 8.20
CA GLU B 18 -2.74 -8.96 8.82
C GLU B 18 -1.65 -8.43 7.90
N PRO B 19 -1.40 -7.11 7.88
CA PRO B 19 -0.39 -6.56 6.95
C PRO B 19 0.98 -7.21 7.06
N SER B 20 1.33 -7.74 8.24
CA SER B 20 2.58 -8.46 8.43
C SER B 20 2.51 -9.89 7.89
N ASP B 21 1.34 -10.36 7.46
CA ASP B 21 1.27 -11.72 6.95
C ASP B 21 2.16 -11.85 5.73
N THR B 22 2.85 -12.95 5.64
CA THR B 22 3.69 -13.11 4.47
C THR B 22 2.87 -13.67 3.34
N ILE B 23 3.42 -13.59 2.13
CA ILE B 23 2.71 -14.09 0.92
C ILE B 23 2.47 -15.58 1.09
N GLU B 24 3.37 -16.24 1.81
CA GLU B 24 3.24 -17.71 2.02
C GLU B 24 2.01 -17.97 2.86
N ASN B 25 1.79 -17.17 3.89
CA ASN B 25 0.58 -17.31 4.73
C ASN B 25 -0.64 -17.11 3.84
N VAL B 26 -0.64 -16.04 3.05
CA VAL B 26 -1.76 -15.80 2.15
C VAL B 26 -2.06 -17.04 1.32
N LYS B 27 -1.00 -17.64 0.74
CA LYS B 27 -1.19 -18.80 -0.10
C LYS B 27 -1.73 -19.98 0.69
N ALA B 28 -1.29 -20.14 1.94
CA ALA B 28 -1.93 -21.14 2.79
C ALA B 28 -3.40 -20.78 3.02
N LYS B 29 -3.68 -19.52 3.35
CA LYS B 29 -5.08 -19.13 3.58
C LYS B 29 -5.95 -19.43 2.36
N ILE B 30 -5.36 -19.35 1.16
CA ILE B 30 -6.11 -19.67 -0.05
C ILE B 30 -6.40 -21.17 -0.12
N GLN B 31 -5.40 -21.99 0.15
CA GLN B 31 -5.61 -23.43 0.05
C GLN B 31 -6.63 -23.92 1.08
N ASP B 32 -6.73 -23.20 2.20
CA ASP B 32 -7.76 -23.56 3.22
C ASP B 32 -9.15 -23.36 2.62
N LYS B 33 -9.34 -22.34 1.77
CA LYS B 33 -10.64 -22.07 1.19
C LYS B 33 -10.87 -22.85 -0.11
N GLU B 34 -9.82 -23.11 -0.89
CA GLU B 34 -10.02 -23.61 -2.24
C GLU B 34 -9.41 -24.97 -2.54
N GLY B 35 -8.55 -25.52 -1.67
CA GLY B 35 -7.95 -26.79 -1.98
C GLY B 35 -6.86 -26.72 -3.03
N ILE B 36 -6.36 -25.52 -3.32
CA ILE B 36 -5.30 -25.33 -4.32
C ILE B 36 -3.96 -25.43 -3.59
N PRO B 37 -3.13 -26.42 -3.87
CA PRO B 37 -1.82 -26.49 -3.21
C PRO B 37 -1.06 -25.20 -3.41
N PRO B 38 -0.51 -24.62 -2.34
CA PRO B 38 0.18 -23.33 -2.48
C PRO B 38 1.25 -23.35 -3.54
N ASP B 39 1.85 -24.51 -3.78
CA ASP B 39 2.87 -24.62 -4.80
C ASP B 39 2.33 -24.24 -6.17
N GLN B 40 1.04 -24.44 -6.41
CA GLN B 40 0.50 -24.14 -7.72
C GLN B 40 0.10 -22.69 -7.85
N GLN B 41 0.20 -21.92 -6.77
CA GLN B 41 -0.35 -20.56 -6.72
C GLN B 41 0.71 -19.53 -7.07
N ARG B 42 0.35 -18.63 -7.99
CA ARG B 42 1.13 -17.45 -8.30
C ARG B 42 0.26 -16.23 -8.01
N LEU B 43 0.76 -15.33 -7.18
CA LEU B 43 0.03 -14.15 -6.77
C LEU B 43 0.62 -12.92 -7.44
N ILE B 44 -0.24 -12.07 -7.97
CA ILE B 44 0.21 -10.87 -8.65
C ILE B 44 -0.47 -9.68 -8.03
N PHE B 45 0.28 -8.59 -7.84
CA PHE B 45 -0.26 -7.30 -7.43
C PHE B 45 0.31 -6.22 -8.31
N ALA B 46 -0.57 -5.52 -9.01
CA ALA B 46 -0.19 -4.41 -9.87
C ALA B 46 0.85 -4.85 -10.88
N GLY B 47 0.70 -6.09 -11.35
CA GLY B 47 1.54 -6.68 -12.36
C GLY B 47 2.86 -7.21 -11.85
N LYS B 48 3.07 -7.25 -10.55
CA LYS B 48 4.30 -7.77 -9.98
C LYS B 48 4.03 -9.08 -9.26
N GLN B 49 4.85 -10.09 -9.55
CA GLN B 49 4.77 -11.32 -8.82
C GLN B 49 5.11 -11.07 -7.36
N LEU B 50 4.38 -11.71 -6.47
CA LEU B 50 4.65 -11.55 -5.04
C LEU B 50 5.55 -12.67 -4.59
N GLU B 51 6.59 -12.34 -3.83
CA GLU B 51 7.58 -13.33 -3.46
C GLU B 51 7.22 -13.96 -2.15
N ASP B 52 7.38 -15.26 -2.16
CA ASP B 52 6.82 -16.06 -1.08
C ASP B 52 7.28 -15.58 0.33
N GLY B 53 8.56 -15.19 0.47
CA GLY B 53 9.11 -14.71 1.74
C GLY B 53 8.67 -13.31 2.21
N ARG B 54 8.19 -12.43 1.33
CA ARG B 54 7.93 -11.05 1.75
C ARG B 54 6.48 -10.89 2.21
N THR B 55 6.19 -9.75 2.85
CA THR B 55 4.89 -9.55 3.49
C THR B 55 3.98 -8.67 2.66
N LEU B 56 2.70 -8.68 3.03
CA LEU B 56 1.74 -7.81 2.37
C LEU B 56 2.13 -6.35 2.50
N SER B 57 2.66 -5.96 3.67
CA SER B 57 3.12 -4.59 3.85
C SER B 57 4.31 -4.30 2.97
N ASP B 58 5.10 -5.32 2.63
CA ASP B 58 6.24 -5.11 1.75
C ASP B 58 5.79 -4.55 0.42
N TYR B 59 4.59 -4.91 -0.02
CA TYR B 59 4.07 -4.36 -1.25
C TYR B 59 3.08 -3.25 -1.01
N ASN B 60 2.89 -2.87 0.25
CA ASN B 60 1.98 -1.80 0.64
C ASN B 60 0.54 -2.12 0.25
N ILE B 61 0.16 -3.39 0.34
CA ILE B 61 -1.20 -3.83 0.06
C ILE B 61 -2.15 -3.27 1.13
N GLN B 62 -3.17 -2.56 0.69
CA GLN B 62 -4.08 -1.93 1.65
C GLN B 62 -5.30 -2.80 1.91
N LYS B 63 -5.98 -2.53 3.02
CA LYS B 63 -7.22 -3.23 3.32
C LYS B 63 -8.16 -3.09 2.11
N GLU B 64 -8.76 -4.22 1.71
CA GLU B 64 -9.73 -4.33 0.61
C GLU B 64 -9.12 -4.08 -0.77
N SEP B 65 -7.80 -4.20 -0.80
CA SEP B 65 -7.14 -4.14 -2.12
CB SEP B 65 -5.75 -3.60 -2.00
OG SEP B 65 -5.85 -2.18 -1.81
C SEP B 65 -7.24 -5.56 -2.68
O SEP B 65 -7.63 -6.46 -1.93
P SEP B 65 -4.79 -1.25 -2.54
O1P SEP B 65 -5.22 0.17 -2.28
O2P SEP B 65 -3.46 -1.61 -1.91
O3P SEP B 65 -4.86 -1.64 -4.00
N THR B 66 -6.90 -5.75 -3.94
CA THR B 66 -7.10 -7.02 -4.61
C THR B 66 -5.79 -7.57 -5.18
N LEU B 67 -5.50 -8.81 -4.86
CA LEU B 67 -4.43 -9.57 -5.49
C LEU B 67 -5.02 -10.44 -6.60
N HIS B 68 -4.19 -10.73 -7.59
CA HIS B 68 -4.59 -11.63 -8.64
C HIS B 68 -3.90 -12.96 -8.46
N LEU B 69 -4.63 -14.03 -8.77
CA LEU B 69 -4.16 -15.40 -8.64
C LEU B 69 -4.13 -16.07 -10.00
N VAL B 70 -3.02 -16.74 -10.28
CA VAL B 70 -2.83 -17.51 -11.50
C VAL B 70 -2.29 -18.85 -11.05
N LEU B 71 -2.59 -19.89 -11.80
CA LEU B 71 -2.22 -21.24 -11.39
C LEU B 71 -1.18 -21.84 -12.33
N ARG B 72 -0.33 -22.70 -11.75
CA ARG B 72 0.78 -23.34 -12.46
C ARG B 72 0.54 -24.85 -12.51
N LEU B 73 -0.01 -25.35 -13.61
CA LEU B 73 0.01 -26.77 -13.94
C LEU B 73 -0.60 -27.63 -12.83
N MET C 1 -12.52 19.99 21.59
CA MET C 1 -12.28 18.75 20.86
C MET C 1 -11.87 17.62 21.81
N GLN C 2 -12.03 16.39 21.36
CA GLN C 2 -11.63 15.22 22.11
C GLN C 2 -10.36 14.64 21.53
N ILE C 3 -9.55 14.02 22.39
CA ILE C 3 -8.43 13.19 21.97
C ILE C 3 -8.50 11.90 22.76
N PHE C 4 -7.78 10.90 22.26
CA PHE C 4 -7.75 9.59 22.88
C PHE C 4 -6.38 9.32 23.47
N VAL C 5 -6.35 8.69 24.63
CA VAL C 5 -5.14 8.14 25.23
C VAL C 5 -5.36 6.64 25.38
N LYS C 6 -4.47 5.83 24.80
CA LYS C 6 -4.58 4.38 24.94
C LYS C 6 -3.59 3.94 26.00
N THR C 7 -4.06 3.10 26.92
CA THR C 7 -3.20 2.56 27.96
C THR C 7 -2.52 1.27 27.50
N LEU C 8 -1.58 0.86 28.32
CA LEU C 8 -0.78 -0.32 28.03
C LEU C 8 -1.66 -1.57 28.11
N THR C 9 -2.60 -1.58 29.06
CA THR C 9 -3.55 -2.69 29.15
C THR C 9 -4.46 -2.77 27.92
N GLY C 10 -4.65 -1.67 27.19
CA GLY C 10 -5.41 -1.64 25.95
C GLY C 10 -6.62 -0.72 26.01
N LYS C 11 -7.19 -0.53 27.19
CA LYS C 11 -8.35 0.33 27.39
C LYS C 11 -8.08 1.77 26.91
N THR C 12 -8.95 2.30 26.06
CA THR C 12 -8.73 3.60 25.45
C THR C 12 -9.61 4.63 26.15
N ILE C 13 -8.99 5.68 26.68
CA ILE C 13 -9.73 6.71 27.37
C ILE C 13 -9.87 7.91 26.45
N THR C 14 -10.82 8.77 26.79
CA THR C 14 -11.18 9.93 25.99
C THR C 14 -11.10 11.17 26.85
N LEU C 15 -10.39 12.19 26.36
CA LEU C 15 -10.22 13.45 27.08
C LEU C 15 -10.79 14.57 26.23
N GLU C 16 -11.33 15.58 26.90
CA GLU C 16 -11.70 16.83 26.26
C GLU C 16 -10.56 17.80 26.54
N VAL C 17 -9.98 18.33 25.48
CA VAL C 17 -8.80 19.17 25.59
C VAL C 17 -9.02 20.35 24.67
N GLU C 18 -8.29 21.40 24.91
CA GLU C 18 -8.21 22.38 23.86
C GLU C 18 -6.78 22.42 23.32
N PRO C 19 -6.60 22.72 22.04
CA PRO C 19 -5.24 22.70 21.47
C PRO C 19 -4.22 23.53 22.25
N SER C 20 -4.64 24.57 22.95
CA SER C 20 -3.72 25.30 23.80
C SER C 20 -3.42 24.59 25.11
N ASP C 21 -4.07 23.47 25.39
CA ASP C 21 -3.81 22.77 26.64
C ASP C 21 -2.34 22.40 26.69
N THR C 22 -1.73 22.56 27.85
CA THR C 22 -0.37 22.05 27.89
C THR C 22 -0.41 20.58 28.23
N ILE C 23 0.75 19.94 28.08
CA ILE C 23 0.87 18.53 28.40
C ILE C 23 0.57 18.32 29.87
N GLU C 24 0.84 19.34 30.68
CA GLU C 24 0.43 19.32 32.09
C GLU C 24 -1.06 19.12 32.25
N ASN C 25 -1.85 19.95 31.56
CA ASN C 25 -3.31 19.80 31.57
C ASN C 25 -3.69 18.36 31.25
N VAL C 26 -3.11 17.81 30.20
CA VAL C 26 -3.46 16.47 29.75
C VAL C 26 -3.19 15.45 30.86
N LYS C 27 -2.02 15.53 31.50
CA LYS C 27 -1.73 14.55 32.55
C LYS C 27 -2.69 14.70 33.74
N ALA C 28 -3.06 15.93 34.10
CA ALA C 28 -4.09 16.13 35.11
C ALA C 28 -5.41 15.53 34.65
N LYS C 29 -5.79 15.81 33.40
CA LYS C 29 -7.03 15.22 32.89
C LYS C 29 -6.97 13.69 32.87
N ILE C 30 -5.79 13.09 32.72
CA ILE C 30 -5.73 11.63 32.74
C ILE C 30 -5.90 11.09 34.17
N GLN C 31 -5.24 11.71 35.17
CA GLN C 31 -5.41 11.21 36.53
C GLN C 31 -6.82 11.46 37.03
N ASP C 32 -7.50 12.49 36.53
CA ASP C 32 -8.89 12.69 36.86
C ASP C 32 -9.73 11.49 36.43
N LYS C 33 -9.44 10.94 35.25
CA LYS C 33 -10.27 9.84 34.77
C LYS C 33 -9.81 8.50 35.33
N GLU C 34 -8.51 8.31 35.51
CA GLU C 34 -7.98 7.00 35.84
C GLU C 34 -7.11 7.00 37.10
N GLY C 35 -6.81 8.16 37.67
CA GLY C 35 -6.12 8.23 38.94
C GLY C 35 -4.61 8.02 38.97
N ILE C 36 -3.92 8.12 37.84
CA ILE C 36 -2.46 7.92 37.80
C ILE C 36 -1.81 9.27 38.04
N PRO C 37 -1.08 9.46 39.15
CA PRO C 37 -0.34 10.73 39.35
C PRO C 37 0.53 11.05 38.15
N PRO C 38 0.51 12.31 37.68
CA PRO C 38 1.31 12.67 36.49
C PRO C 38 2.76 12.25 36.63
N ASP C 39 3.24 12.19 37.88
CA ASP C 39 4.66 11.85 38.13
C ASP C 39 4.99 10.51 37.47
N GLN C 40 4.00 9.63 37.38
CA GLN C 40 4.21 8.30 36.75
C GLN C 40 3.71 8.33 35.31
N GLN C 41 3.38 9.52 34.79
CA GLN C 41 2.78 9.57 33.44
C GLN C 41 3.80 9.91 32.36
N ARG C 42 4.05 8.98 31.44
CA ARG C 42 4.90 9.27 30.29
C ARG C 42 4.01 9.14 29.06
N LEU C 43 3.94 10.19 28.26
CA LEU C 43 3.08 10.22 27.09
C LEU C 43 3.90 10.19 25.80
N ILE C 44 3.49 9.36 24.85
CA ILE C 44 4.20 9.19 23.58
C ILE C 44 3.26 9.53 22.45
N PHE C 45 3.77 10.29 21.48
CA PHE C 45 3.01 10.64 20.27
C PHE C 45 3.98 10.72 19.10
N ALA C 46 3.76 9.91 18.06
CA ALA C 46 4.60 10.00 16.85
C ALA C 46 6.06 9.68 17.14
N GLY C 47 6.32 8.82 18.12
CA GLY C 47 7.71 8.39 18.41
C GLY C 47 8.47 9.46 19.18
N LYS C 48 7.76 10.33 19.90
CA LYS C 48 8.45 11.37 20.71
C LYS C 48 7.91 11.37 22.14
N GLN C 49 8.79 11.35 23.15
CA GLN C 49 8.33 11.50 24.51
C GLN C 49 7.84 12.95 24.74
N LEU C 50 6.68 13.10 25.36
CA LEU C 50 5.97 14.38 25.35
C LEU C 50 6.46 15.23 26.55
N GLU C 51 6.82 16.48 26.28
CA GLU C 51 7.48 17.34 27.26
C GLU C 51 6.50 18.28 27.98
N ASP C 52 6.67 18.37 29.29
CA ASP C 52 5.75 19.07 30.17
C ASP C 52 5.56 20.53 29.76
N GLY C 53 6.61 21.22 29.30
CA GLY C 53 6.48 22.63 28.99
C GLY C 53 5.66 22.96 27.74
N ARG C 54 5.54 22.03 26.81
CA ARG C 54 4.92 22.39 25.54
C ARG C 54 3.42 22.11 25.54
N THR C 55 2.75 22.63 24.52
CA THR C 55 1.31 22.52 24.34
C THR C 55 0.95 21.49 23.28
N LEU C 56 -0.30 21.05 23.27
CA LEU C 56 -0.72 20.02 22.30
C LEU C 56 -0.37 20.49 20.88
N SER C 57 -0.68 21.74 20.55
CA SER C 57 -0.41 22.25 19.19
C SER C 57 1.08 22.18 18.91
N ASP C 58 1.89 22.50 19.91
CA ASP C 58 3.37 22.44 19.73
C ASP C 58 3.74 21.11 19.05
N TYR C 59 2.98 20.05 19.34
CA TYR C 59 3.29 18.73 18.79
C TYR C 59 2.41 18.35 17.64
N ASN C 60 1.58 19.27 17.15
CA ASN C 60 0.64 18.97 16.08
C ASN C 60 -0.38 17.92 16.51
N ILE C 61 -0.75 17.90 17.79
CA ILE C 61 -1.77 16.97 18.28
C ILE C 61 -3.11 17.47 17.76
N GLN C 62 -3.73 16.71 16.87
CA GLN C 62 -4.99 17.15 16.30
C GLN C 62 -6.16 16.41 16.95
N LYS C 63 -7.35 16.96 16.74
CA LYS C 63 -8.56 16.40 17.30
C LYS C 63 -8.76 14.94 16.92
N GLU C 64 -9.08 14.12 17.92
CA GLU C 64 -9.38 12.70 17.76
C GLU C 64 -8.19 11.88 17.23
N SEP C 65 -7.00 12.28 17.66
CA SEP C 65 -5.79 11.46 17.38
CB SEP C 65 -4.64 12.30 16.94
OG SEP C 65 -3.50 11.44 16.73
C SEP C 65 -5.50 10.74 18.69
O SEP C 65 -6.25 10.93 19.65
P SEP C 65 -3.22 10.85 15.27
O1P SEP C 65 -2.97 12.06 14.40
O2P SEP C 65 -2.02 9.95 15.39
O3P SEP C 65 -4.48 10.11 14.87
N THR C 66 -4.42 9.96 18.74
CA THR C 66 -4.15 9.17 19.93
C THR C 66 -2.74 9.32 20.53
N LEU C 67 -2.69 9.55 21.85
CA LEU C 67 -1.50 9.47 22.67
C LEU C 67 -1.43 8.12 23.34
N HIS C 68 -0.22 7.58 23.52
CA HIS C 68 -0.04 6.37 24.31
C HIS C 68 0.67 6.70 25.62
N LEU C 69 0.22 6.06 26.70
CA LEU C 69 0.74 6.34 28.03
C LEU C 69 1.56 5.16 28.50
N VAL C 70 2.72 5.48 29.06
CA VAL C 70 3.60 4.42 29.63
C VAL C 70 3.98 4.95 31.01
N LEU C 71 4.05 4.08 32.01
CA LEU C 71 4.30 4.60 33.38
C LEU C 71 5.81 4.70 33.64
N ARG C 72 6.25 5.81 34.21
CA ARG C 72 7.69 6.01 34.53
C ARG C 72 8.56 5.05 33.71
ZN ZN D . -8.95 11.08 3.91
ZN ZN E . 11.70 13.31 -17.41
ZN ZN F . -2.20 -23.81 -34.15
ZN ZN G . 7.47 -2.82 21.17
ZN ZN H . -0.57 20.16 -15.90
ZN ZN I . -10.46 -20.70 -20.51
C4 A1AE9 J . 11.68 14.76 9.00
C5 A1AE9 J . 10.57 14.41 9.76
C6 A1AE9 J . 9.29 14.51 9.21
C7 A1AE9 J . 8.10 14.22 10.05
C8 A1AE9 J . 8.03 13.44 11.17
C13 A1AE9 J . 7.29 12.23 13.58
C15 A1AE9 J . 9.16 12.65 15.21
C17 A1AE9 J . 10.29 11.05 16.62
C20 A1AE9 J . 10.39 13.24 14.95
C22 A1AE9 J . 8.62 10.37 12.66
C26 A1AE9 J . 9.17 14.95 7.90
C11 A1AE9 J . 6.81 14.74 9.87
C12 A1AE9 J . 6.17 12.87 12.78
C14 A1AE9 J . 7.90 13.19 14.61
C16 A1AE9 J . 9.13 11.54 16.05
C18 A1AE9 J . 11.51 11.65 16.34
C19 A1AE9 J . 11.55 12.75 15.52
C2 A1AE9 J . 12.76 15.53 6.90
C23 A1AE9 J . 7.84 9.45 13.54
C25 A1AE9 J . 9.05 12.62 11.87
C27 A1AE9 J . 10.27 15.29 7.15
C29 A1AE9 J . 12.31 13.72 5.31
C3 A1AE9 J . 11.55 15.19 7.68
C30 A1AE9 J . 11.92 13.69 3.98
C31 A1AE9 J . 11.24 12.58 3.50
C32 A1AE9 J . 10.95 11.52 4.34
C33 A1AE9 J . 11.34 11.56 5.66
C34 A1AE9 J . 12.02 12.66 6.17
C35 A1AE9 J . 12.27 14.85 3.08
C36 A1AE9 J . 13.55 15.58 3.47
C37 A1AE9 J . 14.09 15.23 4.84
N10 A1AE9 J . 5.99 14.31 10.81
N21 A1AE9 J . 8.33 11.67 12.72
N28 A1AE9 J . 13.01 14.84 5.75
N9 A1AE9 J . 6.75 13.52 11.60
O1 A1AE9 J . 13.52 16.40 7.29
O24 A1AE9 J . 9.46 9.96 11.92
C1 GOL K . 2.85 16.01 12.98
O1 GOL K . 4.26 16.21 13.07
C2 GOL K . 2.51 14.91 12.01
O2 GOL K . 1.09 14.74 11.94
C3 GOL K . 3.07 15.17 10.63
O3 GOL K . 3.19 13.95 9.90
#